data_1YLE
#
_entry.id   1YLE
#
_cell.length_a   73.295
_cell.length_b   73.295
_cell.length_c   110.786
_cell.angle_alpha   90.00
_cell.angle_beta   90.00
_cell.angle_gamma   120.00
#
_symmetry.space_group_name_H-M   'P 32 2 1'
#
loop_
_entity.id
_entity.type
_entity.pdbx_description
1 polymer 'Arginine N-succinyltransferase, alpha chain'
2 non-polymer 'CALCIUM ION'
3 non-polymer 'FORMIC ACID'
4 water water
#
_entity_poly.entity_id   1
_entity_poly.type   'polypeptide(L)'
_entity_poly.pdbx_seq_one_letter_code
;GH(MSE)LV(MSE)RPAQAADLPQVQRLAADSPVGVTSLPDDAERLRDKILASEASFAAEVSYNGEESYFFVLEDSASGE
LVGCSAIVASAGFSEPFYSFRNETFVHASRSLSIHNKIHVLSLCHDLTGNSLLTSFYVQRDLVQSVYAELNSRGRLLF
(MSE)ASHPERFADAVVVEIVGYSDEQGESPFWNAVGRNFFDLNYIEAEKLSGLKSRTFLAELMPHYPIYVPLLPDAAQE
S(MSE)GQVHPRAQITFDIL(MSE)REGFETDNYIDIFDGGPTLHARTSGIRSIAQSRVVPVKIGEAPKSGRPYLVTNGQ
LQDFRAVVLDLDWAPGKPVALSVEAAEALGVGEGASVRLVAVGS
;
_entity_poly.pdbx_strand_id   A
#
# COMPACT_ATOMS: atom_id res chain seq x y z
N GLY A 1 -10.07 18.54 -16.33
CA GLY A 1 -11.21 19.33 -15.77
C GLY A 1 -12.35 18.49 -15.20
N HIS A 2 -12.01 17.44 -14.49
CA HIS A 2 -13.00 16.58 -13.83
C HIS A 2 -12.52 16.28 -12.41
N LEU A 4 -11.81 14.05 -9.21
CA LEU A 4 -11.53 12.64 -8.94
C LEU A 4 -12.00 12.34 -7.53
N VAL A 5 -12.64 11.20 -7.36
CA VAL A 5 -13.25 10.83 -6.09
C VAL A 5 -12.87 9.40 -5.74
N ARG A 7 -13.33 5.97 -3.60
CA ARG A 7 -14.47 5.26 -3.02
C ARG A 7 -14.15 3.77 -2.95
N PRO A 8 -14.93 3.00 -2.16
CA PRO A 8 -14.73 1.54 -2.16
C PRO A 8 -15.05 0.95 -3.53
N ALA A 9 -14.27 -0.07 -3.89
CA ALA A 9 -14.50 -0.83 -5.12
C ALA A 9 -15.90 -1.45 -5.12
N GLN A 10 -16.49 -1.53 -6.30
CA GLN A 10 -17.82 -2.13 -6.50
C GLN A 10 -17.66 -3.28 -7.50
N ALA A 11 -18.50 -4.30 -7.37
CA ALA A 11 -18.45 -5.47 -8.27
C ALA A 11 -18.33 -5.09 -9.74
N ALA A 12 -19.16 -4.13 -10.17
CA ALA A 12 -19.21 -3.75 -11.59
C ALA A 12 -17.91 -3.06 -12.06
N ASP A 13 -17.03 -2.71 -11.12
CA ASP A 13 -15.73 -2.11 -11.47
C ASP A 13 -14.74 -3.09 -12.08
N LEU A 14 -15.04 -4.39 -12.04
CA LEU A 14 -14.07 -5.41 -12.44
C LEU A 14 -13.32 -5.13 -13.76
N PRO A 15 -14.05 -4.85 -14.87
CA PRO A 15 -13.28 -4.62 -16.12
C PRO A 15 -12.34 -3.41 -16.05
N GLN A 16 -12.77 -2.34 -15.37
CA GLN A 16 -11.89 -1.19 -15.19
C GLN A 16 -10.71 -1.50 -14.27
N VAL A 17 -10.97 -2.25 -13.20
CA VAL A 17 -9.88 -2.69 -12.32
C VAL A 17 -8.89 -3.61 -13.06
N GLN A 18 -9.41 -4.47 -13.93
CA GLN A 18 -8.52 -5.30 -14.72
C GLN A 18 -7.57 -4.45 -15.59
N ARG A 19 -8.07 -3.37 -16.16
CA ARG A 19 -7.22 -2.45 -16.94
C ARG A 19 -6.08 -1.87 -16.09
N LEU A 20 -6.41 -1.44 -14.88
CA LEU A 20 -5.41 -0.94 -13.95
C LEU A 20 -4.39 -2.02 -13.67
N ALA A 21 -4.89 -3.22 -13.36
CA ALA A 21 -4.03 -4.36 -13.02
C ALA A 21 -3.09 -4.72 -14.16
N ALA A 22 -3.59 -4.66 -15.39
CA ALA A 22 -2.77 -4.97 -16.55
C ALA A 22 -1.63 -3.96 -16.72
N ASP A 23 -1.89 -2.70 -16.40
CA ASP A 23 -0.87 -1.64 -16.51
C ASP A 23 0.12 -1.59 -15.34
N SER A 24 -0.27 -2.12 -14.18
CA SER A 24 0.60 -2.13 -12.98
C SER A 24 1.82 -3.03 -13.20
N PRO A 25 2.91 -2.81 -12.44
CA PRO A 25 4.06 -3.73 -12.54
C PRO A 25 3.63 -5.15 -12.15
N VAL A 26 4.17 -6.16 -12.84
CA VAL A 26 3.84 -7.55 -12.57
C VAL A 26 4.20 -7.93 -11.12
N GLY A 27 5.22 -7.27 -10.57
CA GLY A 27 5.67 -7.53 -9.20
C GLY A 27 4.73 -7.01 -8.13
N VAL A 28 3.75 -6.20 -8.53
CA VAL A 28 2.67 -5.80 -7.61
C VAL A 28 1.61 -6.89 -7.70
N THR A 29 1.88 -8.00 -7.04
CA THR A 29 1.04 -9.20 -7.19
C THR A 29 -0.27 -9.11 -6.42
N SER A 30 -0.37 -8.11 -5.56
CA SER A 30 -1.63 -7.79 -4.87
C SER A 30 -2.65 -7.22 -5.86
N LEU A 31 -2.17 -6.83 -7.05
CA LEU A 31 -3.04 -6.38 -8.12
C LEU A 31 -2.77 -7.24 -9.38
N PRO A 32 -3.21 -8.50 -9.34
CA PRO A 32 -2.89 -9.41 -10.43
C PRO A 32 -3.81 -9.13 -11.62
N ASP A 33 -3.28 -9.33 -12.83
CA ASP A 33 -4.07 -9.21 -14.04
C ASP A 33 -4.83 -10.52 -14.27
N ASP A 34 -5.81 -10.77 -13.41
CA ASP A 34 -6.58 -12.02 -13.40
C ASP A 34 -8.01 -11.73 -12.96
N ALA A 35 -8.98 -11.99 -13.83
CA ALA A 35 -10.39 -11.67 -13.56
C ALA A 35 -10.91 -12.35 -12.31
N GLU A 36 -10.60 -13.64 -12.17
CA GLU A 36 -11.07 -14.42 -11.01
C GLU A 36 -10.55 -13.86 -9.69
N ARG A 37 -9.24 -13.59 -9.64
CA ARG A 37 -8.62 -13.06 -8.43
C ARG A 37 -9.17 -11.68 -8.10
N LEU A 38 -9.33 -10.85 -9.13
CA LEU A 38 -9.83 -9.49 -8.91
C LEU A 38 -11.27 -9.49 -8.43
N ARG A 39 -12.08 -10.43 -8.95
N ARG A 39 -12.09 -10.42 -8.93
CA ARG A 39 -13.47 -10.61 -8.50
CA ARG A 39 -13.46 -10.52 -8.46
C ARG A 39 -13.50 -10.96 -7.02
C ARG A 39 -13.46 -10.90 -6.98
N ASP A 40 -12.65 -11.90 -6.62
CA ASP A 40 -12.52 -12.31 -5.21
C ASP A 40 -12.08 -11.16 -4.31
N LYS A 41 -11.10 -10.39 -4.80
CA LYS A 41 -10.61 -9.18 -4.13
C LYS A 41 -11.72 -8.15 -3.87
N ILE A 42 -12.51 -7.86 -4.90
CA ILE A 42 -13.64 -6.94 -4.77
C ILE A 42 -14.73 -7.48 -3.81
N LEU A 43 -15.09 -8.76 -3.96
CA LEU A 43 -16.07 -9.40 -3.07
C LEU A 43 -15.63 -9.30 -1.61
N ALA A 44 -14.35 -9.53 -1.36
CA ALA A 44 -13.81 -9.47 0.00
C ALA A 44 -13.95 -8.08 0.57
N SER A 45 -13.67 -7.08 -0.25
CA SER A 45 -13.79 -5.67 0.14
C SER A 45 -15.25 -5.32 0.43
N GLU A 46 -16.13 -5.70 -0.50
CA GLU A 46 -17.57 -5.45 -0.31
C GLU A 46 -18.07 -6.06 1.01
N ALA A 47 -17.66 -7.29 1.31
CA ALA A 47 -18.07 -7.92 2.57
C ALA A 47 -17.54 -7.14 3.76
N SER A 48 -16.28 -6.72 3.67
CA SER A 48 -15.62 -5.99 4.74
C SER A 48 -16.32 -4.65 5.04
N PHE A 49 -16.57 -3.87 3.99
CA PHE A 49 -17.28 -2.60 4.17
C PHE A 49 -18.73 -2.77 4.63
N ALA A 50 -19.38 -3.86 4.22
CA ALA A 50 -20.83 -4.05 4.46
C ALA A 50 -21.15 -4.43 5.90
N ALA A 51 -20.21 -5.13 6.54
CA ALA A 51 -20.37 -5.57 7.94
C ALA A 51 -19.93 -4.41 8.85
N GLU A 52 -20.86 -3.51 9.10
CA GLU A 52 -20.50 -2.21 9.70
C GLU A 52 -20.31 -2.25 11.20
N VAL A 53 -20.79 -3.31 11.87
CA VAL A 53 -20.70 -3.41 13.33
C VAL A 53 -20.06 -4.72 13.79
N SER A 54 -19.35 -5.36 12.87
CA SER A 54 -18.60 -6.56 13.16
C SER A 54 -17.34 -6.60 12.29
N TYR A 55 -16.26 -7.10 12.86
CA TYR A 55 -15.01 -7.30 12.16
C TYR A 55 -14.16 -8.18 13.05
N ASN A 56 -13.26 -8.95 12.47
CA ASN A 56 -12.52 -9.91 13.27
C ASN A 56 -11.06 -9.99 12.86
N GLY A 57 -10.70 -9.24 11.83
CA GLY A 57 -9.33 -9.23 11.34
C GLY A 57 -9.19 -9.83 9.95
N GLU A 58 -10.20 -10.56 9.47
CA GLU A 58 -10.14 -11.18 8.14
C GLU A 58 -10.28 -10.15 7.01
N GLU A 59 -10.58 -8.90 7.37
CA GLU A 59 -11.05 -7.92 6.40
C GLU A 59 -9.96 -7.40 5.45
N SER A 60 -10.41 -6.91 4.31
CA SER A 60 -9.57 -6.16 3.39
C SER A 60 -10.44 -5.07 2.78
N TYR A 61 -9.83 -3.95 2.42
CA TYR A 61 -10.57 -2.78 1.98
C TYR A 61 -9.92 -2.29 0.71
N PHE A 62 -10.68 -2.35 -0.38
CA PHE A 62 -10.16 -2.05 -1.71
C PHE A 62 -10.82 -0.78 -2.20
N PHE A 63 -10.00 0.22 -2.53
CA PHE A 63 -10.45 1.56 -2.95
C PHE A 63 -10.10 1.81 -4.40
N VAL A 64 -10.94 2.59 -5.08
CA VAL A 64 -10.66 2.99 -6.45
C VAL A 64 -10.79 4.50 -6.56
N LEU A 65 -10.08 5.09 -7.50
CA LEU A 65 -10.12 6.52 -7.73
C LEU A 65 -10.84 6.74 -9.06
N GLU A 66 -11.96 7.44 -9.01
CA GLU A 66 -12.90 7.53 -10.14
C GLU A 66 -13.02 8.95 -10.65
N ASP A 67 -12.99 9.10 -11.97
CA ASP A 67 -13.28 10.37 -12.61
C ASP A 67 -14.80 10.54 -12.55
N SER A 68 -15.25 11.56 -11.81
CA SER A 68 -16.68 11.73 -11.47
C SER A 68 -17.55 12.08 -12.69
N ALA A 69 -16.91 12.54 -13.75
CA ALA A 69 -17.62 12.89 -14.98
C ALA A 69 -17.78 11.68 -15.90
N SER A 70 -16.65 11.04 -16.22
CA SER A 70 -16.58 9.96 -17.20
C SER A 70 -16.85 8.57 -16.61
N GLY A 71 -16.62 8.43 -15.31
CA GLY A 71 -16.70 7.13 -14.65
C GLY A 71 -15.43 6.28 -14.75
N GLU A 72 -14.43 6.78 -15.47
CA GLU A 72 -13.16 6.06 -15.65
C GLU A 72 -12.45 5.88 -14.30
N LEU A 73 -11.93 4.69 -14.06
CA LEU A 73 -11.07 4.49 -12.88
C LEU A 73 -9.64 4.78 -13.27
N VAL A 74 -8.97 5.60 -12.46
CA VAL A 74 -7.61 6.05 -12.78
C VAL A 74 -6.56 5.62 -11.75
N GLY A 75 -7.00 4.94 -10.70
CA GLY A 75 -6.08 4.43 -9.69
C GLY A 75 -6.83 3.52 -8.73
N CYS A 76 -6.07 2.78 -7.92
CA CYS A 76 -6.65 1.94 -6.88
C CYS A 76 -5.62 1.69 -5.80
N SER A 77 -6.09 1.24 -4.63
CA SER A 77 -5.20 0.92 -3.53
C SER A 77 -6.00 0.10 -2.51
N ALA A 78 -5.30 -0.59 -1.62
CA ALA A 78 -6.01 -1.48 -0.68
C ALA A 78 -5.32 -1.53 0.67
N ILE A 79 -6.06 -2.03 1.66
CA ILE A 79 -5.50 -2.30 2.99
C ILE A 79 -5.93 -3.70 3.36
N VAL A 80 -4.98 -4.49 3.88
CA VAL A 80 -5.30 -5.77 4.49
C VAL A 80 -5.26 -5.58 6.01
N ALA A 81 -6.37 -5.90 6.69
CA ALA A 81 -6.49 -5.58 8.11
C ALA A 81 -5.47 -6.33 8.97
N SER A 82 -5.21 -7.58 8.60
CA SER A 82 -4.32 -8.42 9.40
C SER A 82 -3.51 -9.33 8.48
N ALA A 83 -2.25 -8.96 8.26
CA ALA A 83 -1.36 -9.74 7.40
C ALA A 83 -1.30 -11.17 7.91
N GLY A 84 -1.52 -12.10 6.99
CA GLY A 84 -1.42 -13.52 7.29
C GLY A 84 -2.64 -14.13 7.96
N PHE A 85 -3.76 -13.40 7.97
CA PHE A 85 -4.97 -13.92 8.60
C PHE A 85 -5.45 -15.26 8.01
N SER A 86 -5.42 -15.37 6.68
CA SER A 86 -5.93 -16.57 5.99
C SER A 86 -4.83 -17.52 5.52
N GLU A 87 -3.74 -16.95 5.03
CA GLU A 87 -2.58 -17.71 4.60
C GLU A 87 -1.34 -16.94 5.06
N PRO A 88 -0.26 -17.67 5.45
CA PRO A 88 0.89 -17.01 6.08
C PRO A 88 1.49 -15.94 5.20
N PHE A 89 1.96 -14.87 5.83
CA PHE A 89 2.62 -13.80 5.09
C PHE A 89 4.11 -14.02 5.21
N TYR A 90 4.73 -14.51 4.13
CA TYR A 90 6.14 -14.88 4.18
C TYR A 90 7.08 -13.73 3.79
N SER A 91 8.21 -13.65 4.49
CA SER A 91 9.27 -12.66 4.22
C SER A 91 10.60 -13.36 4.41
N PHE A 92 11.66 -12.81 3.83
CA PHE A 92 13.01 -13.09 4.33
C PHE A 92 13.37 -12.08 5.41
N ARG A 93 13.71 -12.58 6.60
CA ARG A 93 14.29 -11.74 7.64
C ARG A 93 15.79 -11.64 7.40
N ASN A 94 16.27 -10.42 7.29
CA ASN A 94 17.71 -10.17 7.20
C ASN A 94 18.23 -10.01 8.61
N GLU A 95 18.89 -11.06 9.09
CA GLU A 95 19.40 -11.03 10.46
C GLU A 95 20.89 -11.28 10.48
N THR A 96 21.50 -10.93 11.60
CA THR A 96 22.93 -11.14 11.77
C THR A 96 23.21 -12.20 12.82
N PHE A 97 24.33 -12.87 12.66
CA PHE A 97 24.83 -13.67 13.75
C PHE A 97 26.34 -13.51 13.73
N VAL A 98 26.96 -13.93 14.81
CA VAL A 98 28.39 -13.81 14.99
C VAL A 98 28.95 -15.21 15.12
N HIS A 99 29.85 -15.55 14.19
CA HIS A 99 30.60 -16.79 14.28
C HIS A 99 31.96 -16.52 14.95
N ALA A 100 32.15 -17.06 16.14
CA ALA A 100 33.40 -16.87 16.88
C ALA A 100 34.48 -17.84 16.42
N SER A 101 35.61 -17.31 15.96
CA SER A 101 36.81 -18.11 15.69
C SER A 101 37.73 -18.01 16.90
N ARG A 102 37.76 -19.07 17.68
CA ARG A 102 38.51 -19.10 18.95
C ARG A 102 40.02 -18.92 18.76
N SER A 103 40.55 -19.57 17.73
CA SER A 103 41.99 -19.57 17.47
C SER A 103 42.49 -18.31 16.76
N LEU A 104 41.60 -17.62 16.03
CA LEU A 104 41.96 -16.34 15.39
C LEU A 104 41.60 -15.11 16.23
N SER A 105 40.71 -15.30 17.20
CA SER A 105 40.16 -14.19 18.02
C SER A 105 39.32 -13.22 17.19
N ILE A 106 38.75 -13.72 16.10
CA ILE A 106 37.85 -12.93 15.25
C ILE A 106 36.42 -13.30 15.64
N HIS A 107 35.58 -12.28 15.77
CA HIS A 107 34.15 -12.50 15.99
C HIS A 107 33.42 -11.84 14.83
N ASN A 108 33.16 -12.66 13.82
CA ASN A 108 32.77 -12.17 12.53
C ASN A 108 31.26 -12.07 12.45
N LYS A 109 30.76 -10.85 12.26
CA LYS A 109 29.32 -10.59 12.17
C LYS A 109 28.88 -10.71 10.71
N ILE A 110 27.92 -11.62 10.47
CA ILE A 110 27.55 -12.08 9.14
C ILE A 110 26.04 -11.91 8.98
N HIS A 111 25.59 -11.43 7.82
CA HIS A 111 24.15 -11.39 7.48
C HIS A 111 23.66 -12.68 6.83
N VAL A 112 22.47 -13.11 7.24
CA VAL A 112 21.79 -14.23 6.60
C VAL A 112 20.34 -13.87 6.34
N LEU A 113 19.73 -14.51 5.34
CA LEU A 113 18.32 -14.37 5.08
C LEU A 113 17.60 -15.62 5.59
N SER A 114 16.57 -15.41 6.41
CA SER A 114 15.81 -16.52 6.97
C SER A 114 14.33 -16.39 6.60
N LEU A 115 13.80 -17.42 5.93
CA LEU A 115 12.38 -17.46 5.61
C LEU A 115 11.59 -17.44 6.92
N CYS A 116 10.60 -16.56 6.99
CA CYS A 116 9.77 -16.44 8.20
C CYS A 116 8.41 -15.87 7.88
N HIS A 117 7.56 -15.75 8.90
CA HIS A 117 6.29 -15.04 8.77
C HIS A 117 6.05 -14.08 9.94
N ASP A 118 7.11 -13.38 10.33
CA ASP A 118 7.15 -12.47 11.46
C ASP A 118 6.14 -11.32 11.41
N LEU A 119 5.71 -10.96 10.20
CA LEU A 119 4.88 -9.75 10.05
C LEU A 119 3.38 -9.96 10.27
N THR A 120 3.00 -11.18 10.66
CA THR A 120 1.60 -11.53 10.95
C THR A 120 0.92 -10.56 11.91
N GLY A 121 -0.31 -10.14 11.57
CA GLY A 121 -1.12 -9.32 12.47
C GLY A 121 -1.01 -7.84 12.17
N ASN A 122 0.11 -7.41 11.58
CA ASN A 122 0.22 -6.01 11.15
C ASN A 122 -0.79 -5.72 10.06
N SER A 123 -1.30 -4.49 10.03
CA SER A 123 -2.14 -4.09 8.90
C SER A 123 -1.17 -3.82 7.75
N LEU A 124 -1.62 -4.07 6.53
CA LEU A 124 -0.74 -4.08 5.36
C LEU A 124 -1.32 -3.21 4.25
N LEU A 125 -0.51 -2.31 3.70
CA LEU A 125 -0.94 -1.50 2.57
C LEU A 125 -0.54 -2.26 1.30
N THR A 126 -1.48 -2.42 0.37
CA THR A 126 -1.19 -3.16 -0.86
C THR A 126 -1.91 -2.53 -2.05
N SER A 127 -1.65 -3.08 -3.24
CA SER A 127 -2.47 -2.84 -4.47
C SER A 127 -2.40 -1.41 -5.00
N PHE A 128 -1.37 -0.65 -4.62
CA PHE A 128 -1.30 0.73 -5.08
C PHE A 128 -0.96 0.81 -6.56
N TYR A 129 -1.81 1.53 -7.29
CA TYR A 129 -1.53 1.90 -8.68
C TYR A 129 -2.20 3.22 -9.04
N VAL A 130 -1.49 4.10 -9.74
CA VAL A 130 -2.15 5.22 -10.41
C VAL A 130 -1.66 5.31 -11.84
N GLN A 131 -2.52 5.82 -12.71
CA GLN A 131 -2.14 6.05 -14.11
C GLN A 131 -0.98 7.02 -14.24
N ARG A 132 -0.24 6.93 -15.34
CA ARG A 132 1.00 7.68 -15.52
C ARG A 132 0.83 9.19 -15.31
N ASP A 133 -0.29 9.74 -15.77
CA ASP A 133 -0.52 11.18 -15.70
C ASP A 133 -0.80 11.68 -14.28
N LEU A 134 -0.92 10.75 -13.33
CA LEU A 134 -1.15 11.09 -11.92
C LEU A 134 0.09 10.93 -11.03
N VAL A 135 1.14 10.36 -11.59
CA VAL A 135 2.43 10.29 -10.90
C VAL A 135 2.90 11.68 -10.42
N GLN A 136 3.40 11.74 -9.20
CA GLN A 136 3.83 12.99 -8.56
C GLN A 136 2.77 14.09 -8.61
N SER A 137 1.53 13.71 -8.33
CA SER A 137 0.42 14.64 -8.21
C SER A 137 -0.24 14.46 -6.85
N VAL A 138 -1.08 15.41 -6.48
CA VAL A 138 -1.85 15.35 -5.24
C VAL A 138 -2.76 14.10 -5.28
N TYR A 139 -3.08 13.62 -6.48
CA TYR A 139 -3.95 12.45 -6.61
C TYR A 139 -3.26 11.13 -6.27
N ALA A 140 -1.95 11.05 -6.50
CA ALA A 140 -1.17 9.91 -5.99
C ALA A 140 -1.14 9.95 -4.46
N GLU A 141 -0.99 11.15 -3.92
CA GLU A 141 -1.09 11.36 -2.46
C GLU A 141 -2.44 10.88 -1.92
N LEU A 142 -3.52 11.28 -2.59
CA LEU A 142 -4.86 10.85 -2.19
C LEU A 142 -5.01 9.33 -2.31
N ASN A 143 -4.61 8.77 -3.43
CA ASN A 143 -4.74 7.32 -3.67
C ASN A 143 -4.05 6.46 -2.60
N SER A 144 -2.88 6.92 -2.13
CA SER A 144 -2.18 6.21 -1.07
C SER A 144 -2.75 6.56 0.32
N ARG A 145 -2.76 7.84 0.63
CA ARG A 145 -3.01 8.29 2.00
C ARG A 145 -4.48 8.30 2.43
N GLY A 146 -5.39 8.23 1.45
CA GLY A 146 -6.81 8.09 1.77
C GLY A 146 -7.04 6.85 2.62
N ARG A 147 -6.24 5.80 2.40
CA ARG A 147 -6.29 4.56 3.21
C ARG A 147 -5.93 4.86 4.66
N LEU A 148 -4.94 5.73 4.83
CA LEU A 148 -4.47 6.10 6.16
C LEU A 148 -5.54 6.90 6.91
N LEU A 149 -6.19 7.83 6.22
CA LEU A 149 -7.33 8.56 6.79
C LEU A 149 -8.45 7.60 7.19
N PHE A 150 -8.70 6.59 6.35
CA PHE A 150 -9.71 5.58 6.66
C PHE A 150 -9.35 4.87 7.97
N ALA A 152 -7.51 6.04 10.35
CA ALA A 152 -7.66 6.99 11.45
C ALA A 152 -9.10 7.03 11.98
N SER A 153 -10.06 6.91 11.06
CA SER A 153 -11.48 7.00 11.38
C SER A 153 -12.00 5.71 12.00
N HIS A 154 -11.30 4.61 11.70
CA HIS A 154 -11.72 3.28 12.16
C HIS A 154 -10.54 2.50 12.79
N PRO A 155 -9.94 3.05 13.87
CA PRO A 155 -8.70 2.46 14.41
C PRO A 155 -8.81 1.01 14.87
N GLU A 156 -9.97 0.64 15.42
CA GLU A 156 -10.17 -0.70 15.99
C GLU A 156 -10.15 -1.80 14.93
N ARG A 157 -10.44 -1.41 13.68
CA ARG A 157 -10.44 -2.38 12.57
C ARG A 157 -9.03 -2.82 12.16
N PHE A 158 -8.02 -2.12 12.68
CA PHE A 158 -6.65 -2.31 12.21
C PHE A 158 -5.68 -2.45 13.37
N ALA A 159 -4.46 -2.89 13.05
CA ALA A 159 -3.40 -3.04 14.03
C ALA A 159 -2.90 -1.67 14.43
N ASP A 160 -2.02 -1.63 15.44
CA ASP A 160 -1.38 -0.39 15.86
C ASP A 160 -0.12 -0.11 15.06
N ALA A 161 0.21 -1.02 14.15
CA ALA A 161 1.35 -0.84 13.25
C ALA A 161 0.97 -1.25 11.83
N VAL A 162 1.65 -0.63 10.87
CA VAL A 162 1.36 -0.82 9.46
C VAL A 162 2.65 -1.21 8.78
N VAL A 163 2.55 -2.19 7.88
CA VAL A 163 3.70 -2.57 7.05
C VAL A 163 3.31 -2.48 5.59
N VAL A 164 4.31 -2.35 4.72
CA VAL A 164 4.07 -2.30 3.28
C VAL A 164 5.28 -2.95 2.62
N GLU A 165 5.04 -3.88 1.71
CA GLU A 165 6.13 -4.50 0.97
C GLU A 165 6.12 -3.89 -0.42
N ILE A 166 7.19 -3.16 -0.73
CA ILE A 166 7.28 -2.45 -2.01
C ILE A 166 7.89 -3.37 -3.07
N VAL A 167 7.30 -3.40 -4.27
CA VAL A 167 7.81 -4.25 -5.35
C VAL A 167 9.32 -4.01 -5.54
N GLY A 168 10.09 -5.10 -5.64
CA GLY A 168 11.53 -5.00 -5.78
C GLY A 168 12.01 -4.67 -7.18
N TYR A 169 13.33 -4.61 -7.33
CA TYR A 169 13.93 -4.22 -8.57
C TYR A 169 13.91 -5.32 -9.65
N SER A 170 13.45 -4.95 -10.83
CA SER A 170 13.70 -5.77 -12.01
C SER A 170 13.99 -4.82 -13.17
N ASP A 171 14.83 -5.26 -14.11
CA ASP A 171 15.28 -4.40 -15.21
C ASP A 171 14.21 -4.32 -16.31
N GLU A 172 14.57 -3.69 -17.43
N GLU A 172 14.55 -3.66 -17.42
CA GLU A 172 13.61 -3.45 -18.51
CA GLU A 172 13.55 -3.46 -18.47
C GLU A 172 13.47 -4.62 -19.50
C GLU A 172 13.12 -4.75 -19.15
N GLN A 173 13.95 -5.78 -19.08
CA GLN A 173 13.66 -7.05 -19.73
C GLN A 173 12.92 -7.92 -18.73
N GLY A 174 12.67 -7.35 -17.55
CA GLY A 174 11.92 -8.02 -16.49
C GLY A 174 12.73 -9.01 -15.71
N GLU A 175 14.06 -8.83 -15.72
CA GLU A 175 14.94 -9.71 -14.96
C GLU A 175 15.16 -9.12 -13.58
N SER A 176 14.94 -9.96 -12.56
CA SER A 176 15.22 -9.59 -11.18
C SER A 176 16.52 -10.27 -10.72
N PRO A 177 17.54 -9.48 -10.36
CA PRO A 177 18.80 -10.05 -9.89
C PRO A 177 18.59 -10.95 -8.67
N PHE A 178 17.71 -10.53 -7.77
CA PHE A 178 17.45 -11.28 -6.55
C PHE A 178 16.76 -12.62 -6.87
N TRP A 179 15.69 -12.57 -7.66
CA TRP A 179 15.03 -13.81 -8.10
C TRP A 179 16.03 -14.78 -8.75
N ASN A 180 16.83 -14.27 -9.69
CA ASN A 180 17.81 -15.10 -10.39
C ASN A 180 18.81 -15.78 -9.44
N ALA A 181 19.16 -15.08 -8.36
CA ALA A 181 20.16 -15.57 -7.43
C ALA A 181 19.57 -16.49 -6.36
N VAL A 182 18.26 -16.38 -6.14
CA VAL A 182 17.66 -17.07 -4.99
C VAL A 182 16.56 -18.02 -5.49
N GLY A 183 15.32 -17.55 -5.53
CA GLY A 183 14.15 -18.36 -5.86
C GLY A 183 14.26 -19.17 -7.14
N ARG A 184 14.83 -18.56 -8.19
CA ARG A 184 14.90 -19.21 -9.50
C ARG A 184 15.72 -20.51 -9.45
N ASN A 185 16.62 -20.60 -8.47
CA ASN A 185 17.42 -21.79 -8.26
C ASN A 185 16.64 -22.94 -7.62
N PHE A 186 15.47 -22.62 -7.07
CA PHE A 186 14.60 -23.65 -6.51
C PHE A 186 13.41 -23.99 -7.41
N PHE A 187 13.06 -23.04 -8.29
CA PHE A 187 11.95 -23.22 -9.22
C PHE A 187 12.24 -22.36 -10.44
N ASP A 188 12.71 -23.00 -11.52
CA ASP A 188 13.27 -22.25 -12.66
C ASP A 188 12.22 -21.69 -13.63
N LEU A 189 11.46 -20.71 -13.13
CA LEU A 189 10.66 -19.81 -13.94
C LEU A 189 11.40 -18.49 -14.02
N ASN A 190 11.21 -17.72 -15.09
CA ASN A 190 11.73 -16.35 -15.06
C ASN A 190 10.87 -15.53 -14.11
N TYR A 191 11.35 -14.33 -13.75
CA TYR A 191 10.69 -13.52 -12.73
C TYR A 191 9.26 -13.17 -13.09
N ILE A 192 9.06 -12.73 -14.33
CA ILE A 192 7.73 -12.35 -14.80
C ILE A 192 6.79 -13.55 -14.67
N GLU A 193 7.24 -14.72 -15.10
CA GLU A 193 6.43 -15.95 -14.98
C GLU A 193 6.10 -16.31 -13.54
N ALA A 194 7.09 -16.18 -12.65
CA ALA A 194 6.90 -16.50 -11.24
C ALA A 194 5.90 -15.55 -10.58
N GLU A 195 5.94 -14.27 -10.96
CA GLU A 195 5.04 -13.28 -10.39
C GLU A 195 3.64 -13.41 -10.98
N LYS A 196 3.55 -13.67 -12.28
CA LYS A 196 2.27 -14.02 -12.89
C LYS A 196 1.66 -15.20 -12.15
N LEU A 197 2.46 -16.24 -11.89
CA LEU A 197 2.00 -17.40 -11.13
C LEU A 197 1.59 -17.03 -9.71
N SER A 198 2.42 -16.23 -9.04
CA SER A 198 2.09 -15.76 -7.70
C SER A 198 0.77 -14.97 -7.70
N GLY A 199 0.56 -14.16 -8.73
CA GLY A 199 -0.66 -13.36 -8.87
C GLY A 199 -1.92 -14.17 -9.11
N LEU A 200 -1.85 -15.10 -10.06
CA LEU A 200 -3.03 -15.85 -10.51
C LEU A 200 -3.49 -16.88 -9.47
N LYS A 201 -2.61 -17.18 -8.52
CA LYS A 201 -2.92 -18.16 -7.47
C LYS A 201 -4.00 -17.67 -6.53
N HIS A 212 14.39 -22.89 4.19
CA HIS A 212 14.12 -22.89 5.63
C HIS A 212 15.39 -22.82 6.49
N TYR A 213 16.52 -23.26 5.97
CA TYR A 213 17.78 -22.92 6.62
C TYR A 213 18.18 -21.53 6.15
N PRO A 214 18.99 -20.81 6.95
CA PRO A 214 19.42 -19.49 6.53
C PRO A 214 20.19 -19.52 5.21
N ILE A 215 20.11 -18.41 4.48
CA ILE A 215 20.86 -18.21 3.25
C ILE A 215 21.93 -17.17 3.57
N TYR A 216 23.20 -17.52 3.36
N TYR A 216 23.19 -17.49 3.30
CA TYR A 216 24.30 -16.60 3.59
CA TYR A 216 24.27 -16.57 3.61
C TYR A 216 24.25 -15.47 2.57
C TYR A 216 24.38 -15.45 2.59
N VAL A 217 24.15 -14.22 3.04
CA VAL A 217 24.20 -13.06 2.16
C VAL A 217 25.57 -12.96 1.45
N PRO A 218 26.70 -13.17 2.20
CA PRO A 218 28.01 -13.09 1.52
C PRO A 218 28.17 -14.04 0.34
N LEU A 219 27.39 -15.12 0.29
CA LEU A 219 27.49 -16.10 -0.80
C LEU A 219 26.68 -15.73 -2.04
N LEU A 220 25.80 -14.75 -1.91
CA LEU A 220 24.99 -14.31 -3.05
C LEU A 220 25.83 -13.46 -4.00
N PRO A 221 25.49 -13.49 -5.31
CA PRO A 221 26.22 -12.62 -6.22
C PRO A 221 26.05 -11.15 -5.87
N ASP A 222 27.08 -10.37 -6.14
CA ASP A 222 27.10 -8.93 -5.88
C ASP A 222 25.85 -8.22 -6.37
N ALA A 223 25.42 -8.51 -7.60
CA ALA A 223 24.21 -7.90 -8.16
C ALA A 223 22.96 -8.20 -7.32
N ALA A 224 22.85 -9.43 -6.81
CA ALA A 224 21.74 -9.80 -5.94
C ALA A 224 21.82 -9.05 -4.62
N GLN A 225 23.02 -9.00 -4.03
CA GLN A 225 23.21 -8.23 -2.80
C GLN A 225 22.80 -6.77 -2.99
N GLU A 226 23.27 -6.17 -4.09
CA GLU A 226 22.95 -4.78 -4.39
C GLU A 226 21.44 -4.56 -4.54
N SER A 227 20.74 -5.57 -5.06
CA SER A 227 19.30 -5.48 -5.28
C SER A 227 18.43 -5.60 -4.00
N GLY A 229 16.47 -4.82 -0.91
CA GLY A 229 15.88 -3.59 -0.40
C GLY A 229 15.71 -2.49 -1.43
N GLN A 230 16.03 -2.77 -2.69
N GLN A 230 16.01 -2.78 -2.70
CA GLN A 230 15.81 -1.80 -3.75
CA GLN A 230 15.87 -1.84 -3.81
C GLN A 230 14.39 -1.92 -4.26
C GLN A 230 14.44 -1.95 -4.38
N VAL A 231 13.85 -0.83 -4.82
CA VAL A 231 12.47 -0.86 -5.34
C VAL A 231 12.43 -0.84 -6.87
N HIS A 232 11.35 -1.33 -7.44
CA HIS A 232 11.16 -1.12 -8.88
C HIS A 232 11.13 0.40 -9.11
N PRO A 233 11.78 0.88 -10.20
CA PRO A 233 11.77 2.32 -10.49
C PRO A 233 10.35 2.93 -10.45
N ARG A 234 9.36 2.14 -10.87
CA ARG A 234 7.98 2.63 -10.94
C ARG A 234 7.32 2.70 -9.57
N ALA A 235 7.99 2.13 -8.58
CA ALA A 235 7.52 2.09 -7.19
C ALA A 235 8.23 3.10 -6.29
N GLN A 236 9.17 3.85 -6.83
CA GLN A 236 9.83 4.89 -6.05
C GLN A 236 8.79 5.90 -5.52
N ILE A 237 7.78 6.21 -6.34
CA ILE A 237 6.71 7.13 -5.95
C ILE A 237 6.03 6.62 -4.68
N THR A 238 5.73 5.32 -4.68
CA THR A 238 5.03 4.67 -3.59
C THR A 238 5.86 4.74 -2.30
N PHE A 239 7.15 4.42 -2.44
CA PHE A 239 8.12 4.46 -1.34
C PHE A 239 8.22 5.88 -0.76
N ASP A 240 8.37 6.87 -1.65
CA ASP A 240 8.57 8.25 -1.23
C ASP A 240 7.36 8.83 -0.49
N ILE A 241 6.15 8.50 -0.95
CA ILE A 241 4.92 8.94 -0.26
C ILE A 241 4.96 8.46 1.19
N LEU A 242 5.37 7.20 1.36
CA LEU A 242 5.37 6.58 2.69
C LEU A 242 6.51 7.08 3.56
N ARG A 244 7.57 10.13 3.56
CA ARG A 244 7.08 11.42 4.05
C ARG A 244 6.03 11.24 5.16
N GLU A 245 5.35 10.10 5.13
CA GLU A 245 4.35 9.71 6.14
C GLU A 245 4.99 9.25 7.45
N GLY A 246 6.27 8.93 7.41
CA GLY A 246 7.01 8.50 8.60
C GLY A 246 7.34 7.03 8.67
N PHE A 247 7.12 6.32 7.57
CA PHE A 247 7.53 4.90 7.48
C PHE A 247 9.05 4.79 7.37
N GLU A 248 9.60 3.69 7.88
CA GLU A 248 11.03 3.41 7.76
C GLU A 248 11.21 1.98 7.31
N THR A 249 12.35 1.70 6.68
CA THR A 249 12.61 0.33 6.23
C THR A 249 12.86 -0.56 7.44
N ASP A 250 12.32 -1.78 7.35
N ASP A 250 12.30 -1.76 7.44
CA ASP A 250 12.43 -2.83 8.35
CA ASP A 250 12.69 -2.70 8.48
C ASP A 250 13.30 -3.95 7.78
C ASP A 250 13.65 -3.74 7.90
N ASN A 251 13.85 -4.82 8.62
CA ASN A 251 14.78 -5.85 8.15
C ASN A 251 14.11 -7.08 7.53
N TYR A 252 13.07 -6.83 6.72
CA TYR A 252 12.39 -7.89 5.98
C TYR A 252 12.33 -7.54 4.51
N ILE A 253 12.54 -8.54 3.66
CA ILE A 253 12.49 -8.33 2.21
C ILE A 253 11.65 -9.41 1.52
N ASP A 254 11.13 -9.09 0.34
CA ASP A 254 10.27 -9.99 -0.43
C ASP A 254 11.01 -11.27 -0.82
N ILE A 255 10.33 -12.42 -0.70
CA ILE A 255 10.99 -13.71 -0.97
C ILE A 255 11.26 -13.95 -2.46
N PHE A 256 10.57 -13.22 -3.35
CA PHE A 256 10.80 -13.35 -4.81
C PHE A 256 11.86 -12.38 -5.28
N ASP A 257 11.66 -11.10 -4.99
CA ASP A 257 12.48 -10.05 -5.61
C ASP A 257 13.33 -9.23 -4.63
N GLY A 258 13.22 -9.52 -3.35
CA GLY A 258 14.02 -8.82 -2.35
C GLY A 258 13.69 -7.36 -2.14
N GLY A 259 12.50 -6.94 -2.56
CA GLY A 259 12.03 -5.57 -2.32
C GLY A 259 11.88 -5.30 -0.83
N PRO A 260 11.99 -4.02 -0.43
CA PRO A 260 12.01 -3.68 0.98
C PRO A 260 10.62 -3.70 1.60
N THR A 261 10.59 -3.88 2.91
CA THR A 261 9.36 -3.76 3.66
C THR A 261 9.51 -2.50 4.52
N LEU A 262 8.47 -1.67 4.50
CA LEU A 262 8.43 -0.46 5.34
C LEU A 262 7.48 -0.67 6.51
N HIS A 263 7.70 0.08 7.58
CA HIS A 263 6.88 -0.07 8.78
C HIS A 263 6.75 1.24 9.51
N ALA A 264 5.61 1.43 10.16
CA ALA A 264 5.43 2.54 11.11
C ALA A 264 4.31 2.20 12.09
N ARG A 265 4.41 2.76 13.29
CA ARG A 265 3.28 2.70 14.24
C ARG A 265 2.23 3.71 13.82
N THR A 266 0.95 3.38 14.03
CA THR A 266 -0.12 4.33 13.67
C THR A 266 0.04 5.69 14.38
N SER A 267 0.56 5.67 15.61
CA SER A 267 0.80 6.90 16.37
C SER A 267 1.84 7.82 15.71
N GLY A 268 2.62 7.27 14.78
CA GLY A 268 3.70 7.99 14.10
C GLY A 268 3.53 8.13 12.60
N ILE A 269 2.32 7.86 12.11
CA ILE A 269 2.02 7.98 10.68
C ILE A 269 1.32 9.33 10.49
N ARG A 270 1.92 10.20 9.66
CA ARG A 270 1.45 11.59 9.55
C ARG A 270 -0.05 11.72 9.29
N SER A 271 -0.54 10.98 8.29
CA SER A 271 -1.93 11.12 7.86
C SER A 271 -2.94 10.45 8.81
N ILE A 272 -2.43 9.68 9.76
CA ILE A 272 -3.26 9.22 10.87
C ILE A 272 -3.12 10.21 12.03
N ALA A 273 -1.91 10.33 12.56
CA ALA A 273 -1.67 11.11 13.78
C ALA A 273 -2.02 12.59 13.67
N GLN A 274 -1.85 13.17 12.49
CA GLN A 274 -2.09 14.61 12.29
C GLN A 274 -3.45 14.94 11.69
N SER A 275 -4.23 13.90 11.39
CA SER A 275 -5.57 14.10 10.82
C SER A 275 -6.52 14.62 11.89
N ARG A 276 -7.53 15.38 11.45
CA ARG A 276 -8.49 16.01 12.35
C ARG A 276 -9.91 15.83 11.85
N VAL A 277 -10.85 15.68 12.78
CA VAL A 277 -12.28 15.62 12.47
C VAL A 277 -12.88 17.01 12.74
N VAL A 278 -13.51 17.55 11.71
CA VAL A 278 -13.91 18.95 11.67
C VAL A 278 -15.33 19.09 11.11
N PRO A 279 -16.17 19.95 11.70
CA PRO A 279 -17.49 20.15 11.11
C PRO A 279 -17.38 20.89 9.77
N VAL A 280 -18.40 20.75 8.94
CA VAL A 280 -18.39 21.40 7.63
C VAL A 280 -19.34 22.59 7.59
N LYS A 281 -19.08 23.50 6.67
CA LYS A 281 -20.07 24.50 6.27
C LYS A 281 -20.09 24.58 4.74
N ILE A 282 -21.27 24.35 4.17
CA ILE A 282 -21.40 24.09 2.75
C ILE A 282 -22.02 25.29 2.04
N GLY A 283 -21.48 25.63 0.88
CA GLY A 283 -22.06 26.69 0.04
C GLY A 283 -21.08 27.69 -0.55
N GLU A 284 -19.85 27.72 -0.05
CA GLU A 284 -18.82 28.66 -0.51
C GLU A 284 -17.41 28.21 -0.11
N LYS A 287 -12.55 29.81 -1.32
CA LYS A 287 -11.26 30.47 -1.20
C LYS A 287 -10.10 29.50 -1.51
N SER A 288 -8.97 30.07 -1.92
CA SER A 288 -7.77 29.29 -2.23
C SER A 288 -6.82 29.25 -1.04
N GLY A 289 -6.04 28.17 -0.93
CA GLY A 289 -5.04 28.06 0.12
C GLY A 289 -4.02 27.00 -0.24
N ARG A 290 -4.19 25.81 0.31
CA ARG A 290 -3.31 24.69 0.00
C ARG A 290 -4.12 23.40 -0.07
N PRO A 291 -3.57 22.36 -0.74
CA PRO A 291 -4.32 21.11 -0.88
C PRO A 291 -4.40 20.29 0.41
N TYR A 292 -5.62 19.81 0.67
CA TYR A 292 -5.92 18.92 1.79
C TYR A 292 -6.52 17.64 1.24
N LEU A 293 -6.19 16.53 1.89
CA LEU A 293 -6.92 15.28 1.68
C LEU A 293 -8.10 15.28 2.63
N VAL A 294 -9.30 15.02 2.10
CA VAL A 294 -10.53 15.15 2.87
C VAL A 294 -11.41 13.91 2.69
N THR A 295 -11.84 13.30 3.79
CA THR A 295 -12.75 12.13 3.74
C THR A 295 -14.03 12.43 4.48
N ASN A 296 -15.08 11.68 4.17
CA ASN A 296 -16.34 11.84 4.91
C ASN A 296 -16.36 11.00 6.20
N GLY A 297 -15.32 10.21 6.42
CA GLY A 297 -15.18 9.39 7.63
C GLY A 297 -16.12 8.19 7.70
N GLN A 298 -16.76 7.86 6.57
CA GLN A 298 -17.80 6.83 6.55
C GLN A 298 -17.22 5.46 6.21
N LEU A 299 -18.04 4.43 6.35
CA LEU A 299 -17.58 3.07 6.10
C LEU A 299 -17.97 2.66 4.69
N GLN A 300 -19.12 2.02 4.54
CA GLN A 300 -19.54 1.59 3.19
C GLN A 300 -19.65 2.73 2.18
N ASP A 301 -20.08 3.91 2.64
CA ASP A 301 -20.22 5.08 1.77
C ASP A 301 -19.02 6.00 1.83
N PHE A 302 -17.85 5.43 2.19
CA PHE A 302 -16.60 6.18 2.26
C PHE A 302 -16.35 6.95 0.98
N ARG A 303 -15.96 8.22 1.12
CA ARG A 303 -15.50 9.04 -0.02
C ARG A 303 -14.33 9.90 0.40
N ALA A 304 -13.40 10.12 -0.51
CA ALA A 304 -12.26 11.01 -0.26
C ALA A 304 -11.89 11.78 -1.51
N VAL A 305 -11.49 13.04 -1.31
CA VAL A 305 -11.11 13.91 -2.42
C VAL A 305 -9.94 14.78 -1.99
N VAL A 306 -9.36 15.49 -2.95
CA VAL A 306 -8.35 16.54 -2.66
C VAL A 306 -9.03 17.88 -2.85
N LEU A 307 -8.90 18.78 -1.87
CA LEU A 307 -9.49 20.12 -1.99
C LEU A 307 -8.46 21.19 -1.67
N ASP A 308 -8.51 22.31 -2.40
CA ASP A 308 -7.64 23.45 -2.14
C ASP A 308 -8.41 24.34 -1.17
N LEU A 309 -7.95 24.40 0.09
CA LEU A 309 -8.67 25.10 1.15
C LEU A 309 -7.81 26.15 1.83
N ASP A 310 -8.46 27.25 2.22
CA ASP A 310 -7.91 28.23 3.14
C ASP A 310 -8.54 27.91 4.49
N TRP A 311 -7.90 27.02 5.23
CA TRP A 311 -8.46 26.45 6.44
C TRP A 311 -7.36 26.30 7.50
N ALA A 312 -7.75 26.39 8.76
CA ALA A 312 -6.86 26.06 9.88
C ALA A 312 -7.72 25.53 11.03
N PRO A 313 -7.13 24.71 11.91
CA PRO A 313 -7.87 24.18 13.06
C PRO A 313 -8.61 25.26 13.83
N GLY A 314 -9.83 24.95 14.26
CA GLY A 314 -10.61 25.85 15.09
C GLY A 314 -11.81 26.47 14.38
N LYS A 315 -11.93 26.21 13.08
CA LYS A 315 -13.09 26.65 12.34
C LYS A 315 -13.63 25.51 11.48
N PRO A 316 -14.90 25.61 11.07
CA PRO A 316 -15.39 24.54 10.19
C PRO A 316 -14.72 24.55 8.82
N VAL A 317 -14.78 23.42 8.13
CA VAL A 317 -14.26 23.30 6.78
C VAL A 317 -15.30 23.83 5.81
N ALA A 318 -14.94 24.85 5.04
CA ALA A 318 -15.82 25.39 3.99
C ALA A 318 -15.74 24.53 2.75
N LEU A 319 -16.86 23.88 2.42
CA LEU A 319 -16.96 23.02 1.25
C LEU A 319 -17.89 23.64 0.23
N SER A 320 -17.51 23.56 -1.04
CA SER A 320 -18.41 23.94 -2.12
C SER A 320 -19.56 22.92 -2.22
N VAL A 321 -20.66 23.30 -2.90
CA VAL A 321 -21.74 22.35 -3.11
C VAL A 321 -21.27 21.11 -3.90
N GLU A 322 -20.36 21.34 -4.85
CA GLU A 322 -19.79 20.25 -5.64
C GLU A 322 -18.97 19.29 -4.75
N ALA A 323 -18.12 19.87 -3.90
CA ALA A 323 -17.28 19.07 -3.00
C ALA A 323 -18.13 18.28 -2.00
N ALA A 324 -19.18 18.90 -1.44
CA ALA A 324 -20.04 18.22 -0.49
C ALA A 324 -20.81 17.07 -1.17
N GLU A 325 -21.22 17.29 -2.41
CA GLU A 325 -21.86 16.23 -3.20
C GLU A 325 -20.90 15.05 -3.40
N ALA A 326 -19.67 15.34 -3.81
CA ALA A 326 -18.65 14.30 -4.01
C ALA A 326 -18.38 13.49 -2.73
N LEU A 327 -18.36 14.20 -1.61
CA LEU A 327 -18.07 13.60 -0.31
C LEU A 327 -19.27 12.91 0.33
N GLY A 328 -20.45 13.13 -0.23
CA GLY A 328 -21.69 12.58 0.32
C GLY A 328 -22.01 13.12 1.70
N VAL A 329 -21.68 14.39 1.94
CA VAL A 329 -21.98 15.04 3.21
C VAL A 329 -22.96 16.21 3.06
N GLY A 330 -23.64 16.51 4.16
CA GLY A 330 -24.61 17.58 4.19
C GLY A 330 -24.44 18.37 5.46
N GLU A 331 -25.42 19.24 5.72
CA GLU A 331 -25.40 20.07 6.90
C GLU A 331 -25.21 19.28 8.20
N GLY A 332 -24.37 19.79 9.09
CA GLY A 332 -24.09 19.15 10.37
C GLY A 332 -23.15 17.96 10.31
N ALA A 333 -22.62 17.67 9.13
CA ALA A 333 -21.67 16.56 8.99
C ALA A 333 -20.28 17.00 9.43
N SER A 334 -19.43 16.00 9.67
CA SER A 334 -18.00 16.22 9.86
C SER A 334 -17.18 15.47 8.79
N VAL A 335 -15.98 15.98 8.55
CA VAL A 335 -15.04 15.35 7.65
C VAL A 335 -13.76 15.09 8.43
N ARG A 336 -12.92 14.17 7.95
CA ARG A 336 -11.56 14.04 8.46
C ARG A 336 -10.62 14.57 7.39
N LEU A 337 -9.66 15.41 7.78
CA LEU A 337 -8.75 15.96 6.79
C LEU A 337 -7.33 16.09 7.30
N VAL A 338 -6.40 16.19 6.36
CA VAL A 338 -5.00 16.45 6.68
C VAL A 338 -4.38 17.17 5.48
N ALA A 339 -3.50 18.14 5.73
CA ALA A 339 -2.80 18.79 4.63
C ALA A 339 -1.98 17.76 3.83
N VAL A 340 -1.95 17.94 2.51
CA VAL A 340 -1.08 17.15 1.65
C VAL A 340 0.37 17.36 2.13
N GLY A 341 0.70 18.62 2.42
CA GLY A 341 2.02 19.00 2.92
C GLY A 341 3.14 18.70 1.95
N SER A 342 4.31 18.36 2.51
CA SER A 342 5.50 18.05 1.73
C SER A 342 6.46 17.16 2.51
#